data_7VQP
#
_entry.id   7VQP
#
_cell.length_a   157.805
_cell.length_b   37.581
_cell.length_c   40.913
_cell.angle_alpha   90.000
_cell.angle_beta   98.590
_cell.angle_gamma   90.000
#
_symmetry.space_group_name_H-M   'C 1 2 1'
#
loop_
_entity.id
_entity.type
_entity.pdbx_description
1 polymer 'Vitamin D3 receptor'
2 polymer 'Mediator of RNA polymerase II transcription subunit 1'
3 non-polymer '3-((R)-4-((3R,5R,8R,9S,10S,13R,14S,17R)-3-(2-hydroxy-2-methylpropyl)-10,13-dimethylhexadecahydro-1H-cyclopenta[a]phenanthren-17-yl)pentanamido)propanoic acid'
4 water water
#
loop_
_entity_poly.entity_id
_entity_poly.type
_entity_poly.pdbx_seq_one_letter_code
_entity_poly.pdbx_strand_id
1 'polypeptide(L)'
;GSHMGSPNSPLKDSLRPKLSEEQQHIIAILLDAHHKTYDPTYADFRDFRPPVRMDGSTGSVTLDLSPLSMLPHLADLVSY
SIQKVIGFAKMIPGFRDLTSDDQIVLLKSSAIEVIMLRSNQSFTMDDMSWDCGSQDYKYDVTDVSKAGHTLELIEPLIKF
QVGLKKLNLHEEEHVLLMAICIVSPDRPGVQDAKLVEAIQDRLSNTLQTYIRCRHPPPGSHQLYAKMIQKLADLRSLNEE
HSKQYRSLSFQPENSMKLTPLVLEVFGNEIS
;
A
2 'polypeptide(L)' KNHPMLMNLLKDN C
#
loop_
_chem_comp.id
_chem_comp.type
_chem_comp.name
_chem_comp.formula
7SW non-polymer '3-((R)-4-((3R,5R,8R,9S,10S,13R,14S,17R)-3-(2-hydroxy-2-methylpropyl)-10,13-dimethylhexadecahydro-1H-cyclopenta[a]phenanthren-17-yl)pentanamido)propanoic acid' 'C31 H53 N O4'
#
# COMPACT_ATOMS: atom_id res chain seq x y z
N LYS A 18 18.55 20.72 6.85
CA LYS A 18 17.40 21.37 7.53
C LYS A 18 16.24 21.46 6.53
N LEU A 19 15.00 21.31 7.01
CA LEU A 19 13.79 21.03 6.16
C LEU A 19 13.40 22.30 5.40
N SER A 20 13.53 22.30 4.07
CA SER A 20 13.11 23.43 3.21
C SER A 20 11.60 23.64 3.32
N GLU A 21 11.14 24.79 2.85
CA GLU A 21 9.71 25.14 2.61
C GLU A 21 9.06 24.07 1.74
N GLU A 22 9.73 23.72 0.64
CA GLU A 22 9.25 22.69 -0.33
C GLU A 22 9.06 21.39 0.44
N GLN A 23 10.05 20.97 1.23
CA GLN A 23 10.02 19.67 1.95
C GLN A 23 8.83 19.65 2.94
N GLN A 24 8.62 20.73 3.71
CA GLN A 24 7.47 20.83 4.68
C GLN A 24 6.16 20.79 3.89
N HIS A 25 6.15 21.42 2.72
CA HIS A 25 4.96 21.48 1.81
C HIS A 25 4.57 20.05 1.43
N ILE A 26 5.53 19.26 0.95
CA ILE A 26 5.32 17.86 0.50
C ILE A 26 4.72 17.06 1.67
N ILE A 27 5.34 17.17 2.85
CA ILE A 27 4.89 16.44 4.05
C ILE A 27 3.44 16.82 4.36
N ALA A 28 3.13 18.12 4.37
CA ALA A 28 1.77 18.64 4.68
C ALA A 28 0.79 18.03 3.69
N ILE A 29 1.15 18.01 2.41
CA ILE A 29 0.25 17.52 1.32
C ILE A 29 0.02 16.02 1.54
N LEU A 30 1.09 15.27 1.82
CA LEU A 30 0.98 13.78 1.93
C LEU A 30 0.16 13.43 3.18
N LEU A 31 0.32 14.14 4.29
CA LEU A 31 -0.45 13.88 5.53
C LEU A 31 -1.96 14.07 5.28
N ASP A 32 -2.29 15.19 4.65
CA ASP A 32 -3.70 15.53 4.32
C ASP A 32 -4.27 14.49 3.37
N ALA A 33 -3.56 14.12 2.30
CA ALA A 33 -3.99 13.10 1.33
C ALA A 33 -4.29 11.80 2.09
N HIS A 34 -3.42 11.43 3.04
CA HIS A 34 -3.57 10.19 3.86
C HIS A 34 -4.79 10.33 4.78
N HIS A 35 -4.93 11.44 5.52
CA HIS A 35 -6.09 11.67 6.43
C HIS A 35 -7.40 11.64 5.64
N LYS A 36 -7.42 12.15 4.41
CA LYS A 36 -8.63 12.19 3.56
C LYS A 36 -9.00 10.80 3.05
N THR A 37 -8.05 9.87 2.95
CA THR A 37 -8.22 8.56 2.25
C THR A 37 -8.06 7.36 3.18
N TYR A 38 -7.65 7.53 4.44
CA TYR A 38 -7.59 6.42 5.43
C TYR A 38 -8.63 6.63 6.53
N ASP A 39 -9.59 5.71 6.64
CA ASP A 39 -10.62 5.69 7.72
C ASP A 39 -10.43 4.46 8.61
N PRO A 40 -9.85 4.60 9.84
CA PRO A 40 -9.91 3.52 10.84
C PRO A 40 -11.35 3.29 11.37
N ASP A 47 -20.95 -1.68 3.66
CA ASP A 47 -21.08 -1.57 2.18
C ASP A 47 -20.63 -2.88 1.51
N PHE A 48 -19.78 -3.66 2.17
CA PHE A 48 -19.13 -4.84 1.55
C PHE A 48 -20.06 -6.03 1.71
N ARG A 49 -19.90 -7.08 0.93
CA ARG A 49 -20.50 -8.40 1.27
C ARG A 49 -20.05 -8.74 2.68
N PRO A 50 -20.94 -9.31 3.54
CA PRO A 50 -20.63 -9.51 4.96
C PRO A 50 -19.55 -10.55 5.24
N PRO A 51 -18.79 -10.36 6.33
CA PRO A 51 -17.80 -11.36 6.74
C PRO A 51 -18.54 -12.60 7.24
N VAL A 52 -18.02 -13.78 6.89
CA VAL A 52 -18.54 -15.12 7.31
C VAL A 52 -17.36 -15.91 7.90
N PRO A 67 -12.73 -22.45 4.20
CA PRO A 67 -11.46 -22.00 3.61
C PRO A 67 -11.58 -20.75 2.71
N LEU A 68 -12.78 -20.46 2.18
CA LEU A 68 -13.03 -19.31 1.28
C LEU A 68 -14.19 -18.47 1.80
N SER A 69 -14.66 -18.74 3.01
CA SER A 69 -15.87 -18.07 3.57
C SER A 69 -15.64 -16.56 3.57
N MET A 70 -14.40 -16.10 3.70
CA MET A 70 -14.08 -14.66 3.86
C MET A 70 -13.69 -14.05 2.51
N LEU A 71 -13.60 -14.84 1.44
CA LEU A 71 -13.13 -14.30 0.13
C LEU A 71 -14.04 -13.16 -0.33
N PRO A 72 -15.39 -13.28 -0.35
CA PRO A 72 -16.23 -12.18 -0.85
C PRO A 72 -15.98 -10.84 -0.14
N HIS A 73 -15.96 -10.86 1.20
CA HIS A 73 -15.78 -9.68 2.07
C HIS A 73 -14.39 -9.08 1.81
N LEU A 74 -13.35 -9.90 1.73
CA LEU A 74 -11.98 -9.35 1.71
C LEU A 74 -11.63 -8.95 0.28
N ALA A 75 -12.21 -9.59 -0.74
CA ALA A 75 -12.13 -9.08 -2.12
C ALA A 75 -12.72 -7.66 -2.20
N ASP A 76 -13.87 -7.44 -1.58
CA ASP A 76 -14.56 -6.12 -1.52
C ASP A 76 -13.69 -5.11 -0.75
N LEU A 77 -13.13 -5.51 0.39
CA LEU A 77 -12.26 -4.66 1.23
C LEU A 77 -11.04 -4.23 0.40
N VAL A 78 -10.39 -5.17 -0.27
CA VAL A 78 -9.20 -4.85 -1.09
C VAL A 78 -9.65 -3.97 -2.26
N SER A 79 -10.77 -4.29 -2.92
CA SER A 79 -11.25 -3.53 -4.11
C SER A 79 -11.45 -2.07 -3.71
N TYR A 80 -12.18 -1.85 -2.62
CA TYR A 80 -12.41 -0.52 -2.00
C TYR A 80 -11.09 0.17 -1.69
N SER A 81 -10.12 -0.56 -1.09
CA SER A 81 -8.85 0.00 -0.60
C SER A 81 -8.00 0.45 -1.80
N ILE A 82 -8.14 -0.23 -2.94
CA ILE A 82 -7.45 0.19 -4.20
C ILE A 82 -7.88 1.61 -4.53
N GLN A 83 -9.17 1.93 -4.41
CA GLN A 83 -9.72 3.28 -4.74
C GLN A 83 -9.05 4.28 -3.81
N LYS A 84 -8.89 3.94 -2.54
CA LYS A 84 -8.24 4.82 -1.54
C LYS A 84 -6.78 5.03 -1.95
N VAL A 85 -6.12 3.97 -2.42
CA VAL A 85 -4.69 4.09 -2.79
C VAL A 85 -4.61 5.12 -3.93
N ILE A 86 -5.51 5.00 -4.90
CA ILE A 86 -5.55 5.88 -6.09
C ILE A 86 -5.80 7.32 -5.64
N GLY A 87 -6.71 7.50 -4.67
CA GLY A 87 -7.01 8.82 -4.10
C GLY A 87 -5.76 9.47 -3.53
N PHE A 88 -4.95 8.69 -2.81
CA PHE A 88 -3.69 9.16 -2.16
C PHE A 88 -2.67 9.45 -3.27
N ALA A 89 -2.50 8.53 -4.22
CA ALA A 89 -1.47 8.65 -5.28
C ALA A 89 -1.63 9.99 -6.05
N LYS A 90 -2.85 10.32 -6.45
CA LYS A 90 -3.19 11.55 -7.24
C LYS A 90 -2.69 12.82 -6.55
N MET A 91 -2.62 12.82 -5.22
N MET A 91 -2.60 12.84 -5.22
CA MET A 91 -2.22 14.00 -4.40
CA MET A 91 -2.18 14.02 -4.40
C MET A 91 -0.73 13.96 -4.06
C MET A 91 -0.66 14.06 -4.23
N ILE A 92 0.05 13.00 -4.61
CA ILE A 92 1.53 12.96 -4.47
C ILE A 92 2.09 14.05 -5.38
N PRO A 93 2.86 15.02 -4.85
CA PRO A 93 3.48 16.06 -5.69
C PRO A 93 4.30 15.43 -6.82
N GLY A 94 3.95 15.80 -8.05
CA GLY A 94 4.61 15.35 -9.29
C GLY A 94 3.89 14.19 -9.96
N PHE A 95 3.06 13.43 -9.24
CA PHE A 95 2.34 12.26 -9.81
C PHE A 95 1.56 12.70 -11.06
N ARG A 96 0.89 13.82 -10.96
CA ARG A 96 0.03 14.40 -12.02
C ARG A 96 0.86 14.71 -13.28
N ASP A 97 2.17 14.95 -13.14
CA ASP A 97 3.06 15.28 -14.29
C ASP A 97 3.37 14.02 -15.08
N LEU A 98 3.13 12.83 -14.53
CA LEU A 98 3.35 11.55 -15.25
C LEU A 98 2.27 11.35 -16.31
N THR A 99 2.59 10.60 -17.36
CA THR A 99 1.60 10.18 -18.39
C THR A 99 0.63 9.20 -17.76
N SER A 100 -0.58 9.14 -18.31
CA SER A 100 -1.68 8.26 -17.81
C SER A 100 -1.15 6.83 -17.72
N ASP A 101 -0.44 6.39 -18.76
CA ASP A 101 0.15 5.03 -18.82
C ASP A 101 1.05 4.77 -17.60
N ASP A 102 1.95 5.71 -17.28
CA ASP A 102 2.95 5.55 -16.18
C ASP A 102 2.21 5.52 -14.84
N GLN A 103 1.24 6.42 -14.66
CA GLN A 103 0.33 6.44 -13.49
C GLN A 103 -0.31 5.06 -13.33
N ILE A 104 -0.82 4.50 -14.42
CA ILE A 104 -1.49 3.15 -14.43
C ILE A 104 -0.49 2.07 -14.02
N VAL A 105 0.72 2.01 -14.61
CA VAL A 105 1.69 0.93 -14.27
C VAL A 105 2.11 1.12 -12.81
N LEU A 106 2.36 2.33 -12.32
CA LEU A 106 2.77 2.51 -10.89
C LEU A 106 1.65 2.01 -9.95
N LEU A 107 0.41 2.34 -10.27
CA LEU A 107 -0.74 2.00 -9.39
C LEU A 107 -1.00 0.49 -9.44
N LYS A 108 -1.04 -0.12 -10.65
CA LYS A 108 -1.18 -1.59 -10.81
C LYS A 108 -0.14 -2.31 -9.98
N SER A 109 1.11 -1.88 -10.06
CA SER A 109 2.18 -2.69 -9.47
C SER A 109 2.34 -2.35 -7.98
N SER A 110 1.89 -1.18 -7.47
CA SER A 110 2.08 -0.81 -6.03
C SER A 110 0.84 -1.11 -5.16
N ALA A 111 -0.34 -1.30 -5.75
CA ALA A 111 -1.63 -1.26 -5.00
C ALA A 111 -1.62 -2.21 -3.80
N ILE A 112 -1.31 -3.48 -4.01
CA ILE A 112 -1.39 -4.44 -2.86
C ILE A 112 -0.36 -4.04 -1.80
N GLU A 113 0.82 -3.57 -2.19
CA GLU A 113 1.90 -3.18 -1.24
C GLU A 113 1.41 -2.00 -0.41
N VAL A 114 0.77 -1.03 -1.05
CA VAL A 114 0.32 0.17 -0.32
C VAL A 114 -0.80 -0.25 0.63
N ILE A 115 -1.66 -1.20 0.21
CA ILE A 115 -2.79 -1.67 1.07
C ILE A 115 -2.23 -2.31 2.34
N MET A 116 -1.24 -3.19 2.19
CA MET A 116 -0.53 -3.84 3.34
C MET A 116 0.14 -2.76 4.21
N LEU A 117 0.77 -1.80 3.59
CA LEU A 117 1.55 -0.75 4.29
C LEU A 117 0.61 0.18 5.07
N ARG A 118 -0.47 0.65 4.46
CA ARG A 118 -1.43 1.59 5.09
C ARG A 118 -2.19 0.89 6.23
N SER A 119 -2.38 -0.42 6.15
CA SER A 119 -3.12 -1.21 7.18
C SER A 119 -2.38 -1.17 8.52
N ASN A 120 -1.07 -0.83 8.52
CA ASN A 120 -0.21 -0.90 9.73
C ASN A 120 -0.76 0.00 10.85
N GLN A 121 -1.36 1.14 10.49
CA GLN A 121 -1.93 2.08 11.50
C GLN A 121 -3.11 1.45 12.25
N SER A 122 -3.85 0.52 11.64
CA SER A 122 -5.00 -0.14 12.32
C SER A 122 -4.59 -1.51 12.89
N PHE A 123 -3.32 -1.89 12.76
CA PHE A 123 -2.79 -3.19 13.27
C PHE A 123 -2.42 -3.05 14.75
N THR A 124 -2.78 -4.04 15.58
CA THR A 124 -2.57 -4.01 17.06
C THR A 124 -1.72 -5.23 17.44
N MET A 125 -0.52 -4.99 17.97
CA MET A 125 0.38 -6.06 18.45
C MET A 125 -0.26 -6.73 19.66
N ASP A 126 -1.17 -6.03 20.36
CA ASP A 126 -1.92 -6.58 21.51
C ASP A 126 -2.49 -7.97 21.22
N ASP A 127 -2.93 -8.22 19.98
CA ASP A 127 -3.49 -9.54 19.61
C ASP A 127 -3.33 -9.77 18.11
N MET A 128 -2.29 -9.22 17.49
CA MET A 128 -1.94 -9.47 16.07
C MET A 128 -3.22 -9.39 15.23
N SER A 129 -3.98 -8.31 15.33
CA SER A 129 -5.19 -8.15 14.49
C SER A 129 -5.24 -6.75 13.89
N TRP A 130 -5.97 -6.63 12.78
CA TRP A 130 -6.41 -5.33 12.21
C TRP A 130 -7.74 -5.00 12.85
N ASP A 131 -7.73 -4.03 13.77
CA ASP A 131 -8.89 -3.75 14.65
C ASP A 131 -9.44 -2.42 14.18
N CYS A 132 -10.32 -2.52 13.16
CA CYS A 132 -11.06 -1.42 12.47
C CYS A 132 -12.35 -1.16 13.26
N GLY A 133 -12.19 -0.46 14.40
CA GLY A 133 -13.25 -0.18 15.41
C GLY A 133 -13.77 -1.45 16.07
N SER A 134 -14.88 -2.01 15.52
CA SER A 134 -15.76 -3.04 16.13
C SER A 134 -15.42 -4.46 15.66
N GLN A 135 -15.95 -5.47 16.37
CA GLN A 135 -15.54 -6.90 16.29
C GLN A 135 -15.92 -7.47 14.91
N ASP A 136 -17.01 -7.00 14.31
CA ASP A 136 -17.44 -7.43 12.95
C ASP A 136 -16.25 -7.28 11.99
N TYR A 137 -15.63 -6.09 12.01
CA TYR A 137 -14.53 -5.64 11.12
C TYR A 137 -13.24 -5.58 11.95
N LYS A 138 -12.96 -6.68 12.67
CA LYS A 138 -11.65 -6.98 13.31
C LYS A 138 -11.12 -8.28 12.69
N TYR A 139 -9.90 -8.25 12.16
CA TYR A 139 -9.35 -9.31 11.26
C TYR A 139 -8.07 -9.87 11.90
N ASP A 140 -8.10 -11.15 12.33
CA ASP A 140 -6.93 -11.85 12.90
C ASP A 140 -6.41 -12.83 11.85
N VAL A 141 -5.39 -13.60 12.21
CA VAL A 141 -4.78 -14.64 11.32
C VAL A 141 -5.90 -15.57 10.84
N THR A 142 -6.81 -15.98 11.72
CA THR A 142 -7.88 -16.95 11.35
C THR A 142 -8.71 -16.37 10.20
N ASP A 143 -9.20 -15.14 10.32
CA ASP A 143 -10.08 -14.44 9.34
C ASP A 143 -9.39 -14.29 7.97
N VAL A 144 -8.18 -13.72 7.95
CA VAL A 144 -7.51 -13.34 6.67
C VAL A 144 -6.96 -14.59 5.97
N SER A 145 -6.92 -15.73 6.65
CA SER A 145 -6.52 -17.03 6.04
C SER A 145 -7.73 -17.78 5.44
N LYS A 146 -8.91 -17.15 5.33
CA LYS A 146 -10.13 -17.83 4.81
C LYS A 146 -10.58 -17.17 3.50
N ALA A 147 -9.62 -16.72 2.69
CA ALA A 147 -9.86 -16.02 1.41
C ALA A 147 -9.03 -16.68 0.31
N GLY A 148 -8.66 -17.96 0.49
CA GLY A 148 -7.93 -18.74 -0.52
C GLY A 148 -6.48 -18.32 -0.68
N HIS A 149 -5.92 -17.59 0.29
CA HIS A 149 -4.46 -17.34 0.39
C HIS A 149 -3.95 -18.12 1.59
N THR A 150 -2.71 -18.57 1.54
CA THR A 150 -2.13 -19.50 2.54
C THR A 150 -1.25 -18.70 3.49
N LEU A 151 -0.73 -19.36 4.52
CA LEU A 151 0.25 -18.78 5.48
C LEU A 151 1.53 -18.45 4.75
N GLU A 152 1.75 -18.97 3.54
CA GLU A 152 2.92 -18.57 2.73
C GLU A 152 2.88 -17.06 2.45
N LEU A 153 1.68 -16.47 2.36
CA LEU A 153 1.47 -14.99 2.28
C LEU A 153 1.20 -14.41 3.68
N ILE A 154 0.32 -15.04 4.46
CA ILE A 154 -0.23 -14.42 5.70
C ILE A 154 0.91 -14.27 6.73
N GLU A 155 1.72 -15.30 6.94
CA GLU A 155 2.75 -15.28 8.02
C GLU A 155 3.75 -14.14 7.76
N PRO A 156 4.39 -14.02 6.57
CA PRO A 156 5.24 -12.86 6.30
C PRO A 156 4.48 -11.54 6.44
N LEU A 157 3.20 -11.51 6.05
CA LEU A 157 2.41 -10.26 6.09
C LEU A 157 2.35 -9.79 7.55
N ILE A 158 2.05 -10.72 8.45
CA ILE A 158 1.92 -10.39 9.90
C ILE A 158 3.29 -10.02 10.45
N LYS A 159 4.34 -10.78 10.11
CA LYS A 159 5.71 -10.44 10.60
C LYS A 159 6.10 -9.06 10.08
N PHE A 160 5.77 -8.73 8.83
CA PHE A 160 5.98 -7.37 8.25
C PHE A 160 5.31 -6.31 9.12
N GLN A 161 4.06 -6.52 9.53
CA GLN A 161 3.29 -5.54 10.33
C GLN A 161 3.97 -5.33 11.69
N VAL A 162 4.41 -6.41 12.34
CA VAL A 162 5.15 -6.37 13.62
C VAL A 162 6.45 -5.57 13.41
N GLY A 163 7.25 -5.95 12.41
CA GLY A 163 8.52 -5.29 12.10
C GLY A 163 8.35 -3.80 11.85
N LEU A 164 7.24 -3.43 11.21
CA LEU A 164 6.98 -2.01 10.90
C LEU A 164 6.58 -1.29 12.18
N LYS A 165 5.77 -1.91 13.05
CA LYS A 165 5.39 -1.31 14.36
C LYS A 165 6.64 -1.04 15.19
N LYS A 166 7.56 -2.00 15.24
CA LYS A 166 8.85 -1.88 15.97
C LYS A 166 9.65 -0.66 15.50
N LEU A 167 9.49 -0.23 14.25
CA LEU A 167 10.18 0.99 13.77
C LEU A 167 9.60 2.23 14.44
N ASN A 168 8.34 2.18 14.86
CA ASN A 168 7.67 3.30 15.56
C ASN A 168 7.74 4.56 14.68
N LEU A 169 7.32 4.47 13.42
CA LEU A 169 7.42 5.57 12.43
C LEU A 169 6.56 6.76 12.89
N HIS A 170 7.01 7.99 12.63
CA HIS A 170 6.10 9.15 12.64
C HIS A 170 5.13 9.00 11.46
N GLU A 171 3.94 9.51 11.58
CA GLU A 171 2.98 9.57 10.46
C GLU A 171 3.64 10.29 9.27
N GLU A 172 4.48 11.31 9.50
CA GLU A 172 5.25 11.97 8.42
C GLU A 172 6.08 10.94 7.64
N GLU A 173 6.75 10.02 8.33
CA GLU A 173 7.63 9.01 7.69
C GLU A 173 6.75 7.97 6.98
N HIS A 174 5.64 7.60 7.59
CA HIS A 174 4.68 6.61 7.06
C HIS A 174 4.12 7.10 5.70
N VAL A 175 3.72 8.37 5.59
CA VAL A 175 3.06 8.85 4.35
C VAL A 175 4.13 9.03 3.26
N LEU A 176 5.34 9.44 3.63
CA LEU A 176 6.48 9.50 2.68
C LEU A 176 6.82 8.11 2.14
N LEU A 177 6.83 7.09 3.01
CA LEU A 177 7.14 5.70 2.60
C LEU A 177 6.07 5.22 1.59
N MET A 178 4.78 5.46 1.87
CA MET A 178 3.69 5.11 0.91
C MET A 178 3.93 5.80 -0.45
N ALA A 179 4.30 7.06 -0.45
CA ALA A 179 4.54 7.84 -1.69
C ALA A 179 5.76 7.29 -2.46
N ILE A 180 6.85 7.03 -1.75
CA ILE A 180 8.09 6.46 -2.35
C ILE A 180 7.78 5.06 -2.91
N CYS A 181 6.99 4.26 -2.20
CA CYS A 181 6.51 2.93 -2.64
C CYS A 181 5.82 3.01 -4.01
N ILE A 182 4.94 3.98 -4.19
CA ILE A 182 4.11 4.15 -5.41
C ILE A 182 5.03 4.67 -6.55
N VAL A 183 5.75 5.74 -6.28
CA VAL A 183 6.49 6.45 -7.36
C VAL A 183 7.90 5.86 -7.41
N SER A 184 7.98 4.68 -7.99
CA SER A 184 9.21 3.86 -8.03
C SER A 184 9.61 3.62 -9.48
N PRO A 185 10.81 4.09 -9.90
CA PRO A 185 11.24 3.98 -11.28
C PRO A 185 11.54 2.56 -11.78
N ASP A 186 11.72 1.60 -10.87
CA ASP A 186 12.05 0.19 -11.18
C ASP A 186 10.81 -0.70 -11.36
N ARG A 187 9.60 -0.15 -11.53
CA ARG A 187 8.43 -1.03 -11.80
C ARG A 187 8.39 -1.37 -13.28
N PRO A 188 8.05 -2.63 -13.64
CA PRO A 188 7.97 -3.04 -15.05
C PRO A 188 6.90 -2.24 -15.81
N GLY A 189 7.24 -1.72 -17.00
CA GLY A 189 6.30 -1.00 -17.88
C GLY A 189 6.40 0.51 -17.79
N VAL A 190 7.19 1.07 -16.87
CA VAL A 190 7.39 2.54 -16.74
C VAL A 190 8.05 3.08 -18.03
N GLN A 191 7.53 4.15 -18.60
CA GLN A 191 8.01 4.77 -19.86
C GLN A 191 9.08 5.80 -19.50
N ASP A 192 8.74 6.74 -18.61
CA ASP A 192 9.63 7.86 -18.24
C ASP A 192 10.27 7.56 -16.88
N ALA A 193 11.13 6.54 -16.82
CA ALA A 193 11.92 6.15 -15.63
C ALA A 193 12.63 7.35 -15.00
N LYS A 194 13.20 8.25 -15.81
CA LYS A 194 13.96 9.43 -15.31
C LYS A 194 13.02 10.39 -14.57
N LEU A 195 11.81 10.60 -15.08
CA LEU A 195 10.84 11.51 -14.41
C LEU A 195 10.38 10.89 -13.09
N VAL A 196 10.04 9.60 -13.11
CA VAL A 196 9.60 8.85 -11.90
C VAL A 196 10.75 8.88 -10.87
N GLU A 197 11.99 8.68 -11.35
CA GLU A 197 13.21 8.71 -10.50
C GLU A 197 13.34 10.09 -9.85
N ALA A 198 13.24 11.16 -10.62
CA ALA A 198 13.35 12.54 -10.08
C ALA A 198 12.24 12.76 -9.01
N ILE A 199 11.00 12.34 -9.25
CA ILE A 199 9.94 12.53 -8.23
C ILE A 199 10.34 11.71 -6.99
N GLN A 200 10.75 10.45 -7.16
CA GLN A 200 11.03 9.58 -6.00
C GLN A 200 12.19 10.16 -5.17
N ASP A 201 13.24 10.63 -5.84
CA ASP A 201 14.43 11.24 -5.19
C ASP A 201 14.00 12.45 -4.37
N ARG A 202 13.12 13.31 -4.90
CA ARG A 202 12.58 14.46 -4.14
C ARG A 202 11.95 13.89 -2.87
N LEU A 203 11.12 12.86 -2.99
CA LEU A 203 10.42 12.25 -1.82
C LEU A 203 11.46 11.66 -0.88
N SER A 204 12.45 10.92 -1.41
CA SER A 204 13.56 10.26 -0.63
C SER A 204 14.34 11.30 0.15
N ASN A 205 14.61 12.43 -0.50
CA ASN A 205 15.44 13.51 0.08
C ASN A 205 14.66 14.16 1.20
N THR A 206 13.36 14.38 1.00
CA THR A 206 12.46 14.92 2.04
C THR A 206 12.47 13.97 3.25
N LEU A 207 12.35 12.66 2.99
CA LEU A 207 12.33 11.65 4.07
C LEU A 207 13.66 11.66 4.84
N GLN A 208 14.80 11.58 4.15
CA GLN A 208 16.14 11.54 4.81
C GLN A 208 16.28 12.83 5.62
N THR A 209 15.88 13.97 5.06
CA THR A 209 16.00 15.26 5.75
C THR A 209 15.11 15.23 6.99
N TYR A 210 13.87 14.73 6.85
CA TYR A 210 12.91 14.66 7.97
C TYR A 210 13.54 13.86 9.10
N ILE A 211 14.14 12.70 8.78
CA ILE A 211 14.71 11.78 9.81
C ILE A 211 15.83 12.52 10.58
N ARG A 212 16.69 13.21 9.84
CA ARG A 212 17.89 13.92 10.38
C ARG A 212 17.44 15.08 11.28
N CYS A 213 16.39 15.81 10.90
CA CYS A 213 15.94 17.03 11.61
C CYS A 213 14.94 16.68 12.70
N ARG A 214 14.15 15.65 12.52
CA ARG A 214 12.93 15.50 13.35
C ARG A 214 12.89 14.13 14.03
N HIS A 215 13.60 13.10 13.56
CA HIS A 215 13.51 11.78 14.22
C HIS A 215 14.56 11.72 15.33
N PRO A 216 14.16 11.46 16.61
CA PRO A 216 15.09 11.41 17.73
C PRO A 216 16.13 10.29 17.60
N PRO A 217 17.45 10.62 17.58
CA PRO A 217 18.49 9.61 17.73
C PRO A 217 18.38 9.02 19.13
N PRO A 218 18.71 7.74 19.36
CA PRO A 218 19.20 6.82 18.32
C PRO A 218 18.14 6.12 17.43
N GLY A 219 16.85 6.38 17.64
CA GLY A 219 15.73 5.93 16.79
C GLY A 219 15.93 6.26 15.30
N SER A 220 16.60 7.38 14.98
CA SER A 220 16.96 7.80 13.60
C SER A 220 18.05 6.92 12.97
N HIS A 221 18.89 6.21 13.73
CA HIS A 221 20.07 5.49 13.19
C HIS A 221 19.67 4.44 12.11
N GLN A 222 20.18 4.58 10.88
CA GLN A 222 19.88 3.69 9.73
C GLN A 222 18.35 3.54 9.54
N LEU A 223 17.55 4.56 9.90
CA LEU A 223 16.08 4.47 9.81
C LEU A 223 15.68 4.47 8.33
N TYR A 224 16.31 5.32 7.51
CA TYR A 224 16.04 5.36 6.06
C TYR A 224 16.28 3.96 5.48
N ALA A 225 17.38 3.31 5.85
CA ALA A 225 17.75 2.00 5.26
C ALA A 225 16.72 0.96 5.72
N LYS A 226 16.26 1.02 6.98
CA LYS A 226 15.25 0.06 7.49
C LYS A 226 13.91 0.25 6.74
N MET A 227 13.57 1.50 6.44
CA MET A 227 12.31 1.81 5.72
C MET A 227 12.44 1.27 4.28
N ILE A 228 13.57 1.48 3.60
CA ILE A 228 13.77 0.92 2.24
C ILE A 228 13.67 -0.62 2.36
N GLN A 229 14.23 -1.22 3.42
CA GLN A 229 14.15 -2.72 3.60
C GLN A 229 12.68 -3.14 3.65
N LYS A 230 11.82 -2.34 4.29
CA LYS A 230 10.37 -2.61 4.39
C LYS A 230 9.75 -2.55 3.00
N LEU A 231 10.21 -1.65 2.13
CA LEU A 231 9.73 -1.60 0.74
C LEU A 231 10.13 -2.90 0.03
N ALA A 232 11.33 -3.41 0.28
CA ALA A 232 11.80 -4.70 -0.25
C ALA A 232 10.89 -5.81 0.28
N ASP A 233 10.52 -5.79 1.58
CA ASP A 233 9.64 -6.87 2.13
C ASP A 233 8.29 -6.79 1.41
N LEU A 234 7.81 -5.58 1.06
CA LEU A 234 6.52 -5.43 0.36
C LEU A 234 6.66 -6.01 -1.06
N ARG A 235 7.80 -5.85 -1.77
CA ARG A 235 7.95 -6.40 -3.15
C ARG A 235 7.80 -7.93 -3.09
N SER A 236 8.40 -8.55 -2.07
CA SER A 236 8.36 -10.01 -1.85
C SER A 236 6.91 -10.43 -1.50
N LEU A 237 6.20 -9.66 -0.67
CA LEU A 237 4.77 -9.93 -0.34
C LEU A 237 3.91 -9.78 -1.60
N ASN A 238 4.22 -8.78 -2.44
CA ASN A 238 3.56 -8.53 -3.74
C ASN A 238 3.71 -9.77 -4.62
N GLU A 239 4.93 -10.27 -4.77
CA GLU A 239 5.24 -11.44 -5.63
C GLU A 239 4.44 -12.66 -5.14
N GLU A 240 4.44 -12.92 -3.83
CA GLU A 240 3.73 -14.08 -3.26
C GLU A 240 2.21 -13.92 -3.45
N HIS A 241 1.68 -12.73 -3.19
CA HIS A 241 0.27 -12.40 -3.49
C HIS A 241 -0.03 -12.70 -4.98
N SER A 242 0.78 -12.20 -5.92
CA SER A 242 0.55 -12.43 -7.38
C SER A 242 0.51 -13.94 -7.70
N LYS A 243 1.49 -14.72 -7.23
CA LYS A 243 1.53 -16.20 -7.45
C LYS A 243 0.22 -16.80 -6.96
N GLN A 244 -0.20 -16.46 -5.74
CA GLN A 244 -1.39 -17.07 -5.14
C GLN A 244 -2.64 -16.55 -5.83
N TYR A 245 -2.63 -15.29 -6.27
CA TYR A 245 -3.80 -14.70 -6.96
C TYR A 245 -3.97 -15.42 -8.31
N ARG A 246 -2.86 -15.70 -9.00
CA ARG A 246 -2.87 -16.36 -10.34
C ARG A 246 -3.54 -17.73 -10.22
N SER A 247 -3.22 -18.53 -9.19
CA SER A 247 -3.85 -19.87 -8.94
C SER A 247 -5.32 -19.71 -8.58
N LEU A 248 -5.60 -18.91 -7.55
CA LEU A 248 -6.97 -18.69 -7.03
C LEU A 248 -7.85 -18.27 -8.20
N SER A 249 -7.41 -17.29 -8.99
CA SER A 249 -8.21 -16.64 -10.05
C SER A 249 -8.25 -17.50 -11.31
N PHE A 250 -7.42 -18.54 -11.38
CA PHE A 250 -7.55 -19.58 -12.44
C PHE A 250 -8.82 -20.40 -12.18
N GLN A 251 -9.22 -20.58 -10.92
CA GLN A 251 -10.43 -21.34 -10.49
C GLN A 251 -11.67 -20.46 -10.69
N PRO A 252 -12.49 -20.64 -11.77
CA PRO A 252 -13.60 -19.72 -12.05
C PRO A 252 -14.61 -19.58 -10.89
N GLU A 253 -14.82 -20.63 -10.09
CA GLU A 253 -15.72 -20.53 -8.91
C GLU A 253 -15.17 -19.48 -7.92
N ASN A 254 -13.85 -19.24 -7.88
CA ASN A 254 -13.26 -18.22 -6.99
C ASN A 254 -13.23 -16.84 -7.67
N SER A 255 -12.78 -16.78 -8.94
CA SER A 255 -12.82 -15.56 -9.77
C SER A 255 -14.20 -14.89 -9.67
N MET A 256 -15.22 -15.71 -9.65
CA MET A 256 -16.64 -15.28 -9.57
C MET A 256 -16.85 -14.42 -8.31
N LYS A 257 -16.08 -14.66 -7.24
CA LYS A 257 -16.28 -13.97 -5.94
C LYS A 257 -15.50 -12.65 -5.90
N LEU A 258 -14.69 -12.37 -6.92
CA LEU A 258 -13.84 -11.16 -6.96
C LEU A 258 -14.70 -9.98 -7.43
N THR A 259 -14.07 -8.83 -7.68
CA THR A 259 -14.73 -7.61 -8.18
C THR A 259 -14.12 -7.25 -9.52
N PRO A 260 -14.84 -6.45 -10.33
CA PRO A 260 -14.31 -5.98 -11.62
C PRO A 260 -13.00 -5.20 -11.47
N LEU A 261 -12.89 -4.31 -10.49
CA LEU A 261 -11.62 -3.55 -10.29
C LEU A 261 -10.48 -4.50 -9.93
N VAL A 262 -10.75 -5.48 -9.07
CA VAL A 262 -9.73 -6.49 -8.68
C VAL A 262 -9.26 -7.26 -9.91
N LEU A 263 -10.19 -7.68 -10.78
CA LEU A 263 -9.84 -8.39 -12.03
C LEU A 263 -9.01 -7.47 -12.95
N GLU A 264 -9.35 -6.19 -13.07
CA GLU A 264 -8.60 -5.29 -13.98
C GLU A 264 -7.19 -5.05 -13.42
N VAL A 265 -7.04 -4.84 -12.12
CA VAL A 265 -5.75 -4.47 -11.48
C VAL A 265 -4.86 -5.71 -11.38
N PHE A 266 -5.36 -6.82 -10.83
CA PHE A 266 -4.55 -8.03 -10.54
C PHE A 266 -4.58 -9.01 -11.71
N GLY A 267 -5.62 -8.97 -12.55
CA GLY A 267 -5.63 -9.68 -13.84
C GLY A 267 -6.66 -10.78 -13.91
N ASN A 268 -6.74 -11.41 -15.10
CA ASN A 268 -7.56 -12.59 -15.49
C ASN A 268 -6.67 -13.81 -15.68
N ASN B 2 -7.00 -0.74 -22.09
CA ASN B 2 -7.10 -2.06 -21.41
C ASN B 2 -7.31 -1.88 -19.89
N HIS B 3 -7.36 -0.64 -19.40
CA HIS B 3 -7.52 -0.31 -17.96
C HIS B 3 -8.56 0.80 -17.77
N PRO B 4 -9.79 0.64 -18.27
CA PRO B 4 -10.81 1.69 -18.22
C PRO B 4 -11.24 2.11 -16.80
N MET B 5 -11.33 1.18 -15.87
CA MET B 5 -11.81 1.54 -14.50
C MET B 5 -10.69 2.28 -13.76
N LEU B 6 -9.44 1.79 -13.86
CA LEU B 6 -8.28 2.53 -13.31
C LEU B 6 -8.25 3.94 -13.92
N MET B 7 -8.41 4.03 -15.24
CA MET B 7 -8.29 5.32 -15.97
C MET B 7 -9.34 6.28 -15.41
N ASN B 8 -10.57 5.78 -15.23
CA ASN B 8 -11.72 6.56 -14.72
C ASN B 8 -11.42 7.05 -13.29
N LEU B 9 -10.87 6.18 -12.44
CA LEU B 9 -10.59 6.55 -11.03
C LEU B 9 -9.46 7.58 -10.99
N LEU B 10 -8.58 7.57 -11.98
CA LEU B 10 -7.47 8.56 -12.08
C LEU B 10 -8.01 9.93 -12.50
N LYS B 11 -9.10 9.97 -13.27
CA LYS B 11 -9.67 11.22 -13.83
C LYS B 11 -10.96 11.56 -13.10
C10 7SW C . -5.51 -10.73 2.00
C13 7SW C . -5.83 -7.22 4.75
C15 7SW C . -3.83 -6.19 3.87
C17 7SW C . -5.98 -5.67 4.95
C20 7SW C . -6.49 -5.08 6.29
C21 7SW C . -7.79 -5.80 6.71
C22 7SW C . -6.80 -3.59 6.01
C24 7SW C . -7.28 -1.21 6.70
C26 7SW C . -9.26 1.05 5.07
C02 7SW C . -7.40 -10.84 0.32
C03 7SW C . -6.44 -10.75 -0.84
C04 7SW C . -5.22 -9.95 -0.43
C05 7SW C . -4.52 -10.53 0.81
C01 7SW C . -6.79 -11.49 1.57
C31 7SW C . -7.12 -10.08 -2.05
C06 7SW C . -3.28 -9.74 1.19
C07 7SW C . -3.60 -8.36 1.74
C08 7SW C . -4.51 -8.53 2.96
C09 7SW C . -5.81 -9.32 2.63
C14 7SW C . -4.92 -7.17 3.49
C12 7SW C . -7.03 -8.13 4.52
C11 7SW C . -6.66 -9.48 3.91
C16 7SW C . -4.54 -5.15 4.73
C32 7SW C . -7.38 -11.09 -3.26
C33 7SW C . -8.39 -12.18 -2.77
O42 7SW C . -6.17 -11.67 -3.76
C34 7SW C . -8.00 -10.32 -4.45
C19 7SW C . -4.83 -11.71 2.98
C18 7SW C . -5.03 -7.85 5.89
C23 7SW C . -7.21 -2.70 7.24
N41 7SW C . -8.38 -0.45 6.90
C25 7SW C . -8.52 0.94 6.42
O43 7SW C . -6.34 -0.76 6.03
C27 7SW C . -9.64 2.52 4.70
O44 7SW C . -10.34 3.21 5.45
O45 7SW C . -9.24 3.06 3.63
H152 7SW C . -3.04 -6.70 4.44
H151 7SW C . -3.41 -5.73 2.97
H171 7SW C . -6.62 -5.29 4.14
H201 7SW C . -5.74 -5.17 7.07
H213 7SW C . -8.42 -5.95 5.83
H211 7SW C . -8.33 -5.20 7.44
H212 7SW C . -7.53 -6.77 7.14
H222 7SW C . -5.92 -3.13 5.56
H221 7SW C . -7.62 -3.53 5.28
H262 7SW C . -8.64 0.64 4.28
H261 7SW C . -10.18 0.46 5.12
H022 7SW C . -8.26 -11.44 0.00
H021 7SW C . -7.74 -9.84 0.57
H031 7SW C . -6.12 -11.76 -1.11
H041 7SW C . -5.53 -8.93 -0.22
H042 7SW C . -4.50 -9.93 -1.26
H051 7SW C . -4.17 -11.53 0.52
H011 7SW C . -6.52 -12.52 1.32
H012 7SW C . -7.52 -11.51 2.36
H312 7SW C . -8.09 -9.67 -1.73
H311 7SW C . -6.49 -9.27 -2.41
H062 7SW C . -2.71 -10.30 1.94
H061 7SW C . -2.68 -9.62 0.30
H072 7SW C . -2.68 -7.87 2.05
H071 7SW C . -4.11 -7.75 0.99
H081 7SW C . -3.95 -9.07 3.71
H091 7SW C . -6.38 -8.74 1.92
H141 7SW C . -5.49 -6.70 2.70
H121 7SW C . -7.72 -7.63 3.84
H122 7SW C . -7.54 -8.31 5.46
H112 7SW C . -7.58 -9.99 3.68
H111 7SW C . -6.11 -10.05 4.65
H162 7SW C . -4.02 -5.05 5.68
H161 7SW C . -4.56 -4.20 4.21
H332 7SW C . -9.18 -11.72 -2.19
H333 7SW C . -7.86 -12.92 -2.16
H331 7SW C . -8.82 -12.69 -3.64
H421 7SW C . -5.41 -11.32 -3.24
H342 7SW C . -7.37 -9.44 -4.67
H343 7SW C . -9.00 -9.99 -4.19
H341 7SW C . -8.03 -10.97 -5.32
H191 7SW C . -4.05 -11.20 3.55
H192 7SW C . -4.38 -12.54 2.43
H193 7SW C . -5.57 -12.10 3.68
H181 7SW C . -4.62 -7.08 6.54
H182 7SW C . -4.22 -8.46 5.52
H183 7SW C . -5.69 -8.48 6.50
H232 7SW C . -8.18 -3.00 7.61
H231 7SW C . -6.46 -2.79 8.02
H411 7SW C . -9.15 -0.85 7.44
H252 7SW C . -9.05 1.52 7.17
H251 7SW C . -7.52 1.37 6.28
#